data_9H8A
#
_entry.id   9H8A
#
_cell.length_a   1.00
_cell.length_b   1.00
_cell.length_c   1.00
_cell.angle_alpha   90.00
_cell.angle_beta   90.00
_cell.angle_gamma   90.00
#
_symmetry.space_group_name_H-M   'P 1'
#
loop_
_entity.id
_entity.type
_entity.pdbx_description
1 polymer 'Complementary strand'
2 polymer 'Circular RNA'
#
loop_
_entity_poly.entity_id
_entity_poly.type
_entity_poly.pdbx_seq_one_letter_code
_entity_poly.pdbx_strand_id
1 'polyribonucleotide' UGGAAGAAAUCGAAGAAGAUGAAGAACGCGAAGAAC A,B,E,F
2 'polyribonucleotide' AUCUUCUUCGAUUUCUUCCAGUUCUUCGCGUUCUUC D,C,H,G
#